data_5HM7
#
_entry.id   5HM7
#
_cell.length_a   37.430
_cell.length_b   145.840
_cell.length_c   44.910
_cell.angle_alpha   90.00
_cell.angle_beta   105.57
_cell.angle_gamma   90.00
#
_symmetry.space_group_name_H-M   'P 1 21 1'
#
loop_
_entity.id
_entity.type
_entity.pdbx_description
1 polymer 'Butyrophilin subfamily 3 member A1'
2 non-polymer GLYCEROL
3 non-polymer BETA-MERCAPTOETHANOL
4 non-polymer 'MAGNESIUM ION'
5 water water
#
_entity_poly.entity_id   1
_entity_poly.type   'polypeptide(L)'
_entity_poly.pdbx_seq_one_letter_code
;MGQQQEEKKTQFRKKKREQELREMAWSTMKQEQSTRVKLLEELRWRSIQYASRGERHSAYNEWKKALFKPADVILDPKTA
NPILLVSEDQRSVQRAKEPQDLPDNPERFNWHYCVLGCESFISGRHYWEVEVGDRKEWHIGVCSKNVQRKGWVKMTPENG
FWTMGLTDGNKYRTLTEPRTNLKLPKPPKKVGVFLDYETGDISFYNAVDGSHIHTFLDVSFSEALYPVFRILTLEPTALT
ICPA
;
_entity_poly.pdbx_strand_id   A,B
#
# COMPACT_ATOMS: atom_id res chain seq x y z
N LYS A 38 5.81 36.73 -1.40
CA LYS A 38 4.57 36.73 -2.22
C LYS A 38 4.62 35.78 -3.46
N LEU A 39 5.55 34.82 -3.47
CA LEU A 39 5.69 33.94 -4.62
C LEU A 39 4.44 33.07 -4.85
N LEU A 40 3.92 32.42 -3.81
CA LEU A 40 2.69 31.63 -3.96
C LEU A 40 1.47 32.50 -4.30
N GLU A 41 1.44 33.76 -3.87
CA GLU A 41 0.42 34.70 -4.38
C GLU A 41 0.57 34.91 -5.89
N GLU A 42 1.80 35.15 -6.29
CA GLU A 42 2.12 35.31 -7.71
C GLU A 42 1.63 34.14 -8.53
N LEU A 43 1.90 32.92 -8.07
CA LEU A 43 1.61 31.73 -8.86
C LEU A 43 0.10 31.44 -8.97
N ARG A 44 -0.64 31.74 -7.90
CA ARG A 44 -2.10 31.71 -7.92
C ARG A 44 -2.61 32.55 -9.11
N TRP A 45 -2.15 33.79 -9.16
CA TRP A 45 -2.54 34.71 -10.24
C TRP A 45 -2.02 34.29 -11.63
N ARG A 46 -0.78 33.79 -11.70
CA ARG A 46 -0.29 33.16 -12.92
C ARG A 46 -1.23 32.14 -13.47
N SER A 47 -1.84 31.33 -12.59
CA SER A 47 -2.71 30.24 -13.02
C SER A 47 -4.03 30.74 -13.67
N ILE A 48 -4.49 31.91 -13.25
CA ILE A 48 -5.61 32.59 -13.91
C ILE A 48 -5.14 33.13 -15.26
N GLN A 49 -3.99 33.82 -15.28
CA GLN A 49 -3.45 34.38 -16.50
C GLN A 49 -3.21 33.33 -17.56
N TYR A 50 -2.58 32.22 -17.19
CA TYR A 50 -2.33 31.16 -18.14
C TYR A 50 -3.58 30.39 -18.56
N ALA A 51 -4.65 30.46 -17.75
CA ALA A 51 -5.92 29.86 -18.13
C ALA A 51 -6.51 30.55 -19.39
N SER A 52 -6.30 31.86 -19.52
CA SER A 52 -6.78 32.63 -20.71
C SER A 52 -6.15 32.21 -22.07
N ARG A 53 -5.03 31.48 -22.01
CA ARG A 53 -4.31 30.97 -23.18
C ARG A 53 -4.23 29.43 -23.20
N GLY A 54 -5.01 28.75 -22.34
CA GLY A 54 -4.96 27.29 -22.21
C GLY A 54 -3.59 26.66 -21.90
N GLU A 55 -2.76 27.37 -21.15
CA GLU A 55 -1.39 26.88 -20.81
C GLU A 55 -1.22 26.72 -19.32
N ARG A 56 -2.33 26.55 -18.61
CA ARG A 56 -2.26 26.45 -17.18
C ARG A 56 -1.54 25.15 -16.73
N HIS A 57 -1.77 24.00 -17.39
CA HIS A 57 -1.07 22.73 -17.02
C HIS A 57 0.44 22.77 -17.23
N SER A 58 0.85 23.27 -18.40
CA SER A 58 2.28 23.29 -18.76
C SER A 58 3.02 24.33 -17.92
N ALA A 59 2.33 25.43 -17.60
CA ALA A 59 2.88 26.45 -16.69
C ALA A 59 3.12 25.84 -15.32
N TYR A 60 2.12 25.11 -14.81
CA TYR A 60 2.21 24.43 -13.49
C TYR A 60 3.42 23.50 -13.39
N ASN A 61 3.56 22.60 -14.34
CA ASN A 61 4.72 21.69 -14.37
C ASN A 61 6.06 22.40 -14.42
N GLU A 62 6.13 23.50 -15.16
CA GLU A 62 7.36 24.27 -15.24
C GLU A 62 7.72 24.99 -13.94
N TRP A 63 6.79 25.76 -13.37
CA TRP A 63 7.13 26.56 -12.18
C TRP A 63 7.32 25.70 -10.91
N LYS A 64 6.60 24.59 -10.79
CA LYS A 64 6.76 23.72 -9.63
C LYS A 64 8.17 23.12 -9.58
N LYS A 65 8.68 22.68 -10.73
CA LYS A 65 10.06 22.18 -10.88
C LYS A 65 11.11 23.27 -10.71
N ALA A 66 10.85 24.45 -11.28
CA ALA A 66 11.80 25.55 -11.16
C ALA A 66 11.96 26.11 -9.72
N LEU A 67 10.85 26.26 -8.98
N LEU A 67 10.85 26.26 -8.98
CA LEU A 67 10.83 27.04 -7.72
CA LEU A 67 10.85 27.03 -7.72
C LEU A 67 10.80 26.23 -6.42
C LEU A 67 10.80 26.23 -6.42
N PHE A 68 10.33 24.99 -6.46
CA PHE A 68 10.05 24.23 -5.24
C PHE A 68 10.84 22.95 -5.26
N LYS A 69 11.46 22.63 -4.13
CA LYS A 69 12.23 21.40 -4.02
C LYS A 69 11.26 20.22 -3.85
N PRO A 70 11.46 19.13 -4.60
CA PRO A 70 10.53 18.02 -4.45
C PRO A 70 10.79 17.32 -3.14
N ALA A 71 9.89 17.45 -2.18
CA ALA A 71 9.95 16.65 -0.98
C ALA A 71 9.69 15.19 -1.44
N ASP A 72 10.47 14.26 -0.98
CA ASP A 72 10.26 12.88 -1.42
C ASP A 72 9.63 12.32 -0.18
N VAL A 73 8.29 12.43 -0.11
CA VAL A 73 7.60 12.18 1.16
C VAL A 73 7.31 10.70 1.38
N ILE A 74 7.76 10.23 2.54
CA ILE A 74 7.61 8.86 3.05
C ILE A 74 6.76 8.96 4.34
N LEU A 75 5.75 8.11 4.46
CA LEU A 75 4.90 8.02 5.63
C LEU A 75 5.63 7.33 6.75
N ASP A 76 5.46 7.85 7.96
CA ASP A 76 6.16 7.36 9.16
C ASP A 76 5.17 6.46 9.91
N PRO A 77 5.33 5.13 9.79
CA PRO A 77 4.44 4.18 10.48
C PRO A 77 4.29 4.35 11.99
N LYS A 78 5.33 4.84 12.66
CA LYS A 78 5.28 5.12 14.09
C LYS A 78 4.28 6.21 14.49
N THR A 79 3.86 7.07 13.55
CA THR A 79 2.94 8.17 13.83
C THR A 79 1.48 7.81 13.55
N ALA A 80 1.26 6.72 12.82
CA ALA A 80 -0.05 6.42 12.26
C ALA A 80 -0.98 5.88 13.32
N ASN A 81 -2.17 6.44 13.38
CA ASN A 81 -3.22 5.94 14.27
C ASN A 81 -3.35 4.42 13.99
N PRO A 82 -3.50 3.61 15.02
CA PRO A 82 -3.57 2.15 14.80
C PRO A 82 -4.69 1.64 13.84
N ILE A 83 -5.67 2.47 13.55
CA ILE A 83 -6.71 2.12 12.58
C ILE A 83 -6.24 2.33 11.12
N LEU A 84 -5.07 2.94 10.95
CA LEU A 84 -4.47 3.16 9.64
C LEU A 84 -3.40 2.13 9.33
N LEU A 85 -3.28 1.82 8.05
CA LEU A 85 -2.27 0.90 7.53
C LEU A 85 -1.38 1.69 6.58
N VAL A 86 -0.07 1.65 6.83
CA VAL A 86 0.91 2.26 5.94
C VAL A 86 1.44 1.15 5.06
N SER A 87 1.55 1.39 3.76
CA SER A 87 2.04 0.36 2.83
C SER A 87 3.50 0.02 3.08
N GLU A 88 3.94 -1.12 2.58
CA GLU A 88 5.36 -1.50 2.68
C GLU A 88 6.30 -0.44 2.08
N ASP A 89 5.94 0.15 0.95
CA ASP A 89 6.78 1.20 0.35
C ASP A 89 6.64 2.58 1.01
N GLN A 90 5.78 2.66 2.03
CA GLN A 90 5.56 3.88 2.80
C GLN A 90 5.06 5.09 2.00
N ARG A 91 4.36 4.84 0.89
CA ARG A 91 3.76 5.90 0.09
C ARG A 91 2.25 5.93 0.18
N SER A 92 1.60 4.87 0.71
CA SER A 92 0.15 4.79 0.72
C SER A 92 -0.36 4.51 2.09
N VAL A 93 -1.55 5.01 2.33
CA VAL A 93 -2.23 4.80 3.58
C VAL A 93 -3.67 4.38 3.32
N GLN A 94 -4.13 3.40 4.05
CA GLN A 94 -5.52 2.92 4.01
C GLN A 94 -6.07 2.79 5.44
N ARG A 95 -7.37 2.60 5.58
CA ARG A 95 -8.00 2.31 6.86
C ARG A 95 -8.32 0.82 7.04
N ALA A 96 -8.05 0.33 8.24
CA ALA A 96 -8.51 -0.96 8.64
C ALA A 96 -9.95 -0.87 9.16
N LYS A 97 -10.62 -2.02 9.12
CA LYS A 97 -11.96 -2.15 9.71
C LYS A 97 -11.90 -1.91 11.21
N GLU A 98 -10.86 -2.43 11.86
CA GLU A 98 -10.67 -2.37 13.32
C GLU A 98 -9.24 -1.95 13.62
N PRO A 99 -8.98 -1.33 14.79
CA PRO A 99 -7.59 -0.95 15.08
C PRO A 99 -6.64 -2.14 15.19
N GLN A 100 -5.39 -1.94 14.79
CA GLN A 100 -4.37 -2.97 14.98
C GLN A 100 -3.83 -2.83 16.38
N ASP A 101 -3.20 -3.89 16.86
CA ASP A 101 -2.57 -3.91 18.16
C ASP A 101 -1.13 -3.38 18.06
N LEU A 102 -0.94 -2.09 18.35
CA LEU A 102 0.36 -1.44 18.25
C LEU A 102 0.72 -0.74 19.54
N PRO A 103 2.02 -0.47 19.77
CA PRO A 103 2.36 0.32 20.94
C PRO A 103 1.81 1.74 20.90
N ASP A 104 1.48 2.30 22.07
CA ASP A 104 1.13 3.73 22.15
C ASP A 104 2.36 4.58 22.46
N ASN A 105 3.32 4.53 21.54
CA ASN A 105 4.54 5.33 21.62
C ASN A 105 4.21 6.82 21.42
N PRO A 106 5.03 7.73 21.97
CA PRO A 106 4.73 9.18 22.00
C PRO A 106 4.41 9.85 20.66
N GLU A 107 4.99 9.33 19.58
CA GLU A 107 4.87 9.96 18.26
C GLU A 107 3.51 9.63 17.59
N ARG A 108 2.80 8.62 18.08
CA ARG A 108 1.61 8.10 17.41
C ARG A 108 0.36 8.92 17.75
N PHE A 109 -0.39 9.33 16.71
CA PHE A 109 -1.72 9.87 16.90
C PHE A 109 -2.59 8.74 17.44
N ASN A 110 -3.13 8.89 18.65
CA ASN A 110 -3.99 7.84 19.21
C ASN A 110 -5.50 8.08 19.04
N TRP A 111 -5.91 9.27 18.58
CA TRP A 111 -7.32 9.62 18.40
C TRP A 111 -7.62 10.06 16.95
N HIS A 112 -6.96 11.11 16.48
CA HIS A 112 -7.10 11.49 15.10
C HIS A 112 -6.61 10.35 14.21
N TYR A 113 -7.32 10.13 13.11
CA TYR A 113 -6.97 9.11 12.12
C TYR A 113 -5.93 9.68 11.15
N CYS A 114 -4.75 10.02 11.69
CA CYS A 114 -3.71 10.78 11.00
C CYS A 114 -2.38 10.01 10.97
N VAL A 115 -1.57 10.35 9.98
CA VAL A 115 -0.20 9.86 9.82
C VAL A 115 0.62 11.01 9.25
N LEU A 116 1.88 11.08 9.66
CA LEU A 116 2.84 12.11 9.20
C LEU A 116 3.85 11.55 8.25
N GLY A 117 4.40 12.42 7.42
CA GLY A 117 5.61 12.14 6.71
C GLY A 117 6.80 12.02 7.69
N CYS A 118 7.88 11.47 7.18
CA CYS A 118 9.07 11.16 7.99
C CYS A 118 9.93 12.37 8.31
N GLU A 119 9.88 13.40 7.46
CA GLU A 119 10.68 14.58 7.66
C GLU A 119 9.85 15.83 7.70
N SER A 120 10.32 16.79 8.49
CA SER A 120 9.69 18.11 8.63
C SER A 120 10.57 19.22 8.06
N PHE A 121 9.98 20.39 7.91
CA PHE A 121 10.62 21.52 7.23
C PHE A 121 10.59 22.73 8.13
N ILE A 122 11.74 23.39 8.28
CA ILE A 122 11.81 24.64 9.03
C ILE A 122 12.28 25.81 8.14
N SER A 123 12.44 25.56 6.84
CA SER A 123 12.80 26.60 5.90
C SER A 123 12.59 26.14 4.45
N GLY A 124 12.69 27.09 3.51
CA GLY A 124 12.73 26.79 2.09
C GLY A 124 11.34 26.59 1.50
N ARG A 125 11.34 26.18 0.23
CA ARG A 125 10.14 25.94 -0.53
C ARG A 125 10.14 24.48 -0.92
N HIS A 126 9.04 23.80 -0.65
CA HIS A 126 8.91 22.34 -0.91
C HIS A 126 7.56 22.03 -1.51
N TYR A 127 7.48 20.95 -2.29
CA TYR A 127 6.20 20.47 -2.78
C TYR A 127 6.13 18.96 -2.91
N TRP A 128 4.89 18.44 -2.86
CA TRP A 128 4.64 17.03 -3.08
C TRP A 128 3.27 16.86 -3.66
N GLU A 129 3.07 15.79 -4.41
CA GLU A 129 1.78 15.52 -5.01
C GLU A 129 1.21 14.22 -4.46
N VAL A 130 -0.11 14.22 -4.29
CA VAL A 130 -0.81 13.17 -3.62
C VAL A 130 -1.92 12.72 -4.56
N GLU A 131 -1.96 11.43 -4.84
CA GLU A 131 -3.04 10.86 -5.60
C GLU A 131 -4.21 10.49 -4.66
N VAL A 132 -5.28 11.25 -4.80
CA VAL A 132 -6.53 11.06 -4.04
C VAL A 132 -7.51 10.20 -4.82
N GLY A 133 -7.38 10.18 -6.15
CA GLY A 133 -8.19 9.34 -7.01
C GLY A 133 -9.68 9.58 -6.82
N ASP A 134 -10.45 8.49 -6.87
CA ASP A 134 -11.91 8.56 -6.70
C ASP A 134 -12.40 8.38 -5.25
N ARG A 135 -11.52 8.54 -4.27
CA ARG A 135 -11.93 8.55 -2.85
C ARG A 135 -12.98 9.62 -2.55
N LYS A 136 -13.93 9.30 -1.67
CA LYS A 136 -15.02 10.22 -1.30
C LYS A 136 -14.71 11.08 -0.09
N GLU A 137 -13.57 10.80 0.54
CA GLU A 137 -13.18 11.48 1.77
C GLU A 137 -11.66 11.39 1.92
N TRP A 138 -11.05 12.51 2.32
CA TRP A 138 -9.59 12.62 2.60
C TRP A 138 -9.26 14.05 3.01
N HIS A 139 -8.22 14.23 3.85
CA HIS A 139 -7.70 15.56 4.16
C HIS A 139 -6.20 15.50 4.23
N ILE A 140 -5.56 16.50 3.67
CA ILE A 140 -4.09 16.59 3.61
C ILE A 140 -3.61 18.00 3.83
N GLY A 141 -2.32 18.11 4.17
CA GLY A 141 -1.66 19.41 4.25
C GLY A 141 -0.42 19.29 5.12
N VAL A 142 -0.25 20.23 6.04
CA VAL A 142 0.87 20.21 6.97
C VAL A 142 0.40 20.46 8.37
N CYS A 143 1.18 20.01 9.35
CA CYS A 143 0.95 20.37 10.72
C CYS A 143 2.25 20.67 11.42
N SER A 144 2.16 21.40 12.53
CA SER A 144 3.32 21.64 13.41
C SER A 144 3.84 20.35 14.05
N LYS A 145 5.15 20.36 14.31
CA LYS A 145 5.81 19.27 15.02
C LYS A 145 5.19 19.00 16.37
N ASN A 146 4.71 20.06 17.05
CA ASN A 146 4.24 19.99 18.43
C ASN A 146 2.72 19.93 18.59
N VAL A 147 1.99 19.56 17.51
CA VAL A 147 0.58 19.29 17.63
C VAL A 147 0.31 18.22 18.69
N GLN A 148 -0.81 18.35 19.36
CA GLN A 148 -1.21 17.37 20.34
C GLN A 148 -1.54 16.07 19.60
N ARG A 149 -0.82 15.00 19.91
CA ARG A 149 -1.00 13.72 19.28
C ARG A 149 -1.87 12.74 20.09
N LYS A 150 -1.99 12.98 21.39
CA LYS A 150 -2.81 12.14 22.28
C LYS A 150 -4.12 12.86 22.58
N GLY A 151 -5.24 12.17 22.40
CA GLY A 151 -6.56 12.76 22.51
C GLY A 151 -6.91 13.72 21.38
N TRP A 152 -8.00 14.48 21.59
CA TRP A 152 -8.56 15.33 20.55
C TRP A 152 -8.47 16.82 20.82
N VAL A 153 -8.03 17.54 19.81
CA VAL A 153 -8.29 18.97 19.65
C VAL A 153 -8.73 19.11 18.21
N LYS A 154 -9.49 20.15 17.90
CA LYS A 154 -9.94 20.37 16.54
C LYS A 154 -8.77 20.59 15.58
N MET A 155 -8.82 20.00 14.38
CA MET A 155 -7.82 20.26 13.35
C MET A 155 -8.10 21.60 12.69
N THR A 156 -7.34 22.59 13.11
CA THR A 156 -7.47 24.00 12.69
C THR A 156 -6.09 24.64 12.76
N PRO A 157 -5.90 25.77 12.08
CA PRO A 157 -4.62 26.47 12.17
C PRO A 157 -4.17 26.85 13.56
N GLU A 158 -5.11 27.28 14.40
CA GLU A 158 -4.83 27.65 15.78
C GLU A 158 -4.23 26.47 16.56
N ASN A 159 -4.65 25.24 16.24
CA ASN A 159 -4.08 24.02 16.88
C ASN A 159 -2.89 23.43 16.08
N GLY A 160 -2.44 24.12 15.05
CA GLY A 160 -1.27 23.73 14.29
C GLY A 160 -1.52 22.84 13.09
N PHE A 161 -2.72 22.90 12.49
CA PHE A 161 -3.05 22.09 11.33
C PHE A 161 -3.44 23.03 10.20
N TRP A 162 -2.78 22.91 9.05
CA TRP A 162 -3.18 23.63 7.84
C TRP A 162 -3.50 22.61 6.78
N THR A 163 -4.79 22.27 6.69
CA THR A 163 -5.27 21.17 5.84
C THR A 163 -6.52 21.54 5.06
N MET A 164 -6.69 20.88 3.95
CA MET A 164 -7.95 20.92 3.20
C MET A 164 -8.27 19.52 2.70
N GLY A 165 -9.47 19.34 2.18
CA GLY A 165 -9.88 18.03 1.79
C GLY A 165 -11.31 17.94 1.33
N LEU A 166 -11.78 16.70 1.32
CA LEU A 166 -13.06 16.33 0.77
C LEU A 166 -13.81 15.52 1.80
N THR A 167 -15.10 15.81 1.93
CA THR A 167 -15.98 14.95 2.71
C THR A 167 -17.31 14.72 1.95
N ASP A 168 -17.92 13.59 2.28
CA ASP A 168 -19.24 13.19 1.75
C ASP A 168 -19.33 13.21 0.23
N GLY A 169 -18.26 12.76 -0.42
CA GLY A 169 -18.18 12.67 -1.87
C GLY A 169 -17.96 13.94 -2.68
N ASN A 170 -18.54 15.06 -2.27
CA ASN A 170 -18.48 16.28 -3.07
C ASN A 170 -18.35 17.61 -2.28
N LYS A 171 -18.04 17.56 -0.97
CA LYS A 171 -17.84 18.77 -0.18
C LYS A 171 -16.34 19.04 0.06
N TYR A 172 -15.77 19.94 -0.74
CA TYR A 172 -14.37 20.36 -0.59
C TYR A 172 -14.33 21.51 0.38
N ARG A 173 -13.47 21.40 1.38
CA ARG A 173 -13.38 22.39 2.46
C ARG A 173 -11.93 22.58 2.90
N THR A 174 -11.65 23.74 3.46
CA THR A 174 -10.43 23.97 4.24
C THR A 174 -10.82 23.74 5.66
N LEU A 175 -9.92 23.16 6.45
CA LEU A 175 -10.21 22.89 7.86
C LEU A 175 -9.82 24.09 8.72
N THR A 176 -10.54 25.19 8.49
CA THR A 176 -10.40 26.45 9.19
C THR A 176 -11.44 26.46 10.30
N GLU A 177 -11.43 27.51 11.13
CA GLU A 177 -12.42 27.69 12.20
C GLU A 177 -13.16 29.02 11.96
N PRO A 178 -14.40 29.02 11.46
CA PRO A 178 -15.13 27.84 11.00
C PRO A 178 -14.63 27.28 9.65
N ARG A 179 -15.06 26.07 9.30
CA ARG A 179 -14.72 25.44 8.00
C ARG A 179 -15.16 26.30 6.80
N THR A 180 -14.34 26.37 5.76
CA THR A 180 -14.63 27.18 4.57
C THR A 180 -14.92 26.25 3.42
N ASN A 181 -16.10 26.40 2.82
CA ASN A 181 -16.46 25.63 1.66
C ASN A 181 -15.75 26.17 0.44
N LEU A 182 -15.26 25.26 -0.40
CA LEU A 182 -14.55 25.60 -1.62
C LEU A 182 -15.45 25.18 -2.78
N LYS A 183 -15.42 25.96 -3.84
CA LYS A 183 -16.20 25.66 -5.05
C LYS A 183 -15.21 25.34 -6.15
N LEU A 184 -15.04 24.08 -6.48
CA LEU A 184 -14.05 23.70 -7.49
C LEU A 184 -14.77 23.34 -8.78
N PRO A 185 -14.24 23.81 -9.93
CA PRO A 185 -14.88 23.49 -11.19
C PRO A 185 -14.86 21.99 -11.52
N LYS A 186 -13.83 21.27 -11.06
CA LYS A 186 -13.72 19.83 -11.25
C LYS A 186 -13.19 19.13 -9.98
N PRO A 187 -13.56 17.86 -9.77
CA PRO A 187 -12.94 17.11 -8.67
C PRO A 187 -11.50 16.71 -9.03
N PRO A 188 -10.51 17.12 -8.21
CA PRO A 188 -9.14 16.71 -8.45
C PRO A 188 -8.87 15.22 -8.10
N LYS A 189 -8.09 14.58 -8.95
CA LYS A 189 -7.66 13.21 -8.77
C LYS A 189 -6.28 13.20 -8.16
N LYS A 190 -5.53 14.29 -8.35
CA LYS A 190 -4.18 14.43 -7.82
C LYS A 190 -3.97 15.87 -7.35
N VAL A 191 -3.40 16.03 -6.15
CA VAL A 191 -3.32 17.31 -5.49
C VAL A 191 -1.86 17.62 -5.18
N GLY A 192 -1.41 18.81 -5.58
CA GLY A 192 -0.11 19.36 -5.22
C GLY A 192 -0.18 20.23 -3.97
N VAL A 193 0.72 19.97 -3.02
CA VAL A 193 0.82 20.69 -1.77
C VAL A 193 2.15 21.41 -1.83
N PHE A 194 2.14 22.72 -1.56
CA PHE A 194 3.29 23.64 -1.70
C PHE A 194 3.47 24.42 -0.43
N LEU A 195 4.69 24.41 0.10
CA LEU A 195 5.03 25.09 1.33
C LEU A 195 6.12 26.09 1.00
N ASP A 196 5.91 27.33 1.39
CA ASP A 196 6.95 28.35 1.31
C ASP A 196 7.09 28.85 2.74
N TYR A 197 8.11 28.33 3.43
CA TYR A 197 8.23 28.51 4.88
C TYR A 197 8.49 29.96 5.27
N GLU A 198 9.39 30.63 4.55
CA GLU A 198 9.76 32.02 4.85
C GLU A 198 8.59 33.00 4.70
N THR A 199 7.87 32.91 3.58
CA THR A 199 6.73 33.79 3.33
C THR A 199 5.49 33.39 4.14
N GLY A 200 5.46 32.16 4.66
CA GLY A 200 4.33 31.69 5.42
C GLY A 200 3.14 31.22 4.60
N ASP A 201 3.35 30.80 3.36
CA ASP A 201 2.24 30.38 2.46
C ASP A 201 2.19 28.86 2.28
N ILE A 202 0.99 28.32 2.23
CA ILE A 202 0.75 26.93 1.89
C ILE A 202 -0.30 26.95 0.81
N SER A 203 0.00 26.36 -0.35
CA SER A 203 -0.92 26.27 -1.48
C SER A 203 -1.29 24.85 -1.86
N PHE A 204 -2.48 24.70 -2.44
CA PHE A 204 -3.01 23.43 -2.91
C PHE A 204 -3.47 23.62 -4.34
N TYR A 205 -3.00 22.74 -5.23
CA TYR A 205 -3.31 22.76 -6.66
C TYR A 205 -3.87 21.44 -7.13
N ASN A 206 -4.76 21.51 -8.11
CA ASN A 206 -5.11 20.34 -8.88
C ASN A 206 -3.88 20.08 -9.75
N ALA A 207 -3.16 18.99 -9.46
CA ALA A 207 -1.90 18.68 -10.15
C ALA A 207 -2.05 18.15 -11.57
N VAL A 208 -3.27 17.84 -12.01
CA VAL A 208 -3.50 17.38 -13.39
C VAL A 208 -3.70 18.57 -14.32
N ASP A 209 -4.54 19.53 -13.94
CA ASP A 209 -4.81 20.69 -14.82
C ASP A 209 -4.13 21.99 -14.38
N GLY A 210 -3.45 21.97 -13.24
CA GLY A 210 -2.71 23.14 -12.74
C GLY A 210 -3.54 24.23 -12.14
N SER A 211 -4.83 23.99 -11.85
CA SER A 211 -5.70 25.02 -11.26
C SER A 211 -5.49 25.14 -9.75
N HIS A 212 -5.59 26.37 -9.27
CA HIS A 212 -5.39 26.68 -7.85
C HIS A 212 -6.61 26.23 -7.10
N ILE A 213 -6.41 25.61 -5.94
CA ILE A 213 -7.51 25.21 -5.09
C ILE A 213 -7.68 26.18 -3.91
N HIS A 214 -6.60 26.44 -3.19
CA HIS A 214 -6.64 27.22 -1.99
C HIS A 214 -5.22 27.52 -1.52
N THR A 215 -5.04 28.70 -0.90
CA THR A 215 -3.81 29.07 -0.24
C THR A 215 -4.08 29.65 1.16
N PHE A 216 -3.32 29.17 2.15
CA PHE A 216 -3.21 29.83 3.44
C PHE A 216 -2.09 30.87 3.33
N LEU A 217 -2.45 32.14 3.49
CA LEU A 217 -1.53 33.26 3.29
C LEU A 217 -0.89 33.73 4.60
N ASP A 218 0.39 34.08 4.55
CA ASP A 218 1.03 34.91 5.60
C ASP A 218 0.96 34.30 7.00
N VAL A 219 1.08 32.97 7.11
CA VAL A 219 1.07 32.31 8.41
C VAL A 219 2.42 32.56 9.09
N SER A 220 2.40 32.76 10.40
CA SER A 220 3.65 32.95 11.17
C SER A 220 4.08 31.61 11.76
N PHE A 221 4.83 30.86 10.98
CA PHE A 221 5.33 29.58 11.44
C PHE A 221 6.44 29.85 12.44
N SER A 222 6.44 29.08 13.53
CA SER A 222 7.55 29.06 14.48
C SER A 222 7.96 27.64 14.88
N GLU A 223 7.50 26.64 14.15
CA GLU A 223 7.82 25.26 14.44
C GLU A 223 8.08 24.56 13.12
N ALA A 224 8.77 23.42 13.20
CA ALA A 224 8.91 22.53 12.07
C ALA A 224 7.53 22.04 11.61
N LEU A 225 7.37 21.89 10.30
CA LEU A 225 6.12 21.43 9.71
C LEU A 225 6.28 20.09 9.06
N TYR A 226 5.35 19.17 9.36
CA TYR A 226 5.29 17.84 8.75
C TYR A 226 4.17 17.79 7.73
N PRO A 227 4.35 17.06 6.61
CA PRO A 227 3.19 16.63 5.84
C PRO A 227 2.29 15.74 6.69
N VAL A 228 0.98 15.94 6.52
CA VAL A 228 0.01 15.17 7.29
C VAL A 228 -1.12 14.73 6.39
N PHE A 229 -1.67 13.56 6.70
CA PHE A 229 -2.69 12.90 5.93
C PHE A 229 -3.74 12.30 6.87
N ARG A 230 -5.01 12.42 6.51
CA ARG A 230 -6.09 11.92 7.33
C ARG A 230 -7.13 11.24 6.44
N ILE A 231 -7.52 10.03 6.84
CA ILE A 231 -8.58 9.25 6.21
CA ILE A 231 -8.64 9.31 6.20
C ILE A 231 -9.55 8.74 7.28
N LEU A 232 -10.85 9.03 7.14
CA LEU A 232 -11.86 8.57 8.07
C LEU A 232 -12.62 7.34 7.59
N THR A 233 -12.87 7.25 6.30
CA THR A 233 -13.78 6.26 5.74
C THR A 233 -13.09 4.98 5.32
N LEU A 234 -13.89 3.92 5.19
CA LEU A 234 -13.46 2.62 4.65
C LEU A 234 -13.86 2.57 3.20
N GLU A 235 -12.88 2.62 2.30
CA GLU A 235 -13.16 2.70 0.88
C GLU A 235 -12.13 1.90 0.16
N PRO A 236 -12.45 1.44 -1.06
CA PRO A 236 -11.50 0.61 -1.79
C PRO A 236 -10.18 1.30 -2.23
N THR A 237 -10.22 2.62 -2.43
CA THR A 237 -9.08 3.41 -2.92
C THR A 237 -8.27 4.02 -1.78
N ALA A 238 -6.96 3.78 -1.82
CA ALA A 238 -6.04 4.40 -0.87
C ALA A 238 -5.73 5.86 -1.19
N LEU A 239 -5.02 6.48 -0.26
CA LEU A 239 -4.38 7.77 -0.48
C LEU A 239 -2.89 7.48 -0.73
N THR A 240 -2.33 7.99 -1.83
CA THR A 240 -0.99 7.59 -2.27
C THR A 240 -0.11 8.79 -2.66
N ILE A 241 1.08 8.89 -2.06
CA ILE A 241 2.02 9.94 -2.38
C ILE A 241 2.73 9.59 -3.69
N CYS A 242 2.87 10.58 -4.58
CA CYS A 242 3.61 10.43 -5.82
C CYS A 242 5.10 10.59 -5.52
N PRO A 243 5.93 9.65 -6.00
CA PRO A 243 7.36 9.76 -5.76
C PRO A 243 7.99 10.97 -6.48
N ALA A 244 9.02 11.57 -5.88
CA ALA A 244 9.71 12.76 -6.42
C ALA A 244 10.43 12.48 -7.74
N GLU B 55 17.15 -41.54 -0.51
CA GLU B 55 16.17 -42.09 0.42
C GLU B 55 14.99 -41.14 0.59
N ARG B 56 15.06 -40.29 1.62
CA ARG B 56 14.00 -39.34 1.90
C ARG B 56 13.61 -38.57 0.64
N HIS B 57 14.60 -38.01 -0.04
CA HIS B 57 14.37 -37.25 -1.27
C HIS B 57 13.63 -38.09 -2.31
N SER B 58 14.10 -39.32 -2.50
CA SER B 58 13.49 -40.22 -3.47
C SER B 58 12.03 -40.47 -3.15
N ALA B 59 11.72 -40.65 -1.87
CA ALA B 59 10.36 -40.88 -1.42
C ALA B 59 9.44 -39.72 -1.80
N TYR B 60 9.91 -38.50 -1.56
CA TYR B 60 9.13 -37.31 -1.86
C TYR B 60 8.76 -37.27 -3.34
N ASN B 61 9.75 -37.50 -4.21
CA ASN B 61 9.51 -37.49 -5.66
C ASN B 61 8.52 -38.56 -6.11
N GLU B 62 8.57 -39.73 -5.47
CA GLU B 62 7.67 -40.86 -5.78
C GLU B 62 6.19 -40.61 -5.38
N TRP B 63 5.94 -40.24 -4.13
CA TRP B 63 4.55 -40.01 -3.70
C TRP B 63 3.91 -38.74 -4.29
N LYS B 64 4.68 -37.69 -4.53
CA LYS B 64 4.08 -36.48 -5.13
C LYS B 64 3.51 -36.83 -6.51
N LYS B 65 4.28 -37.58 -7.30
CA LYS B 65 3.90 -37.97 -8.66
C LYS B 65 2.76 -38.98 -8.62
N ALA B 66 2.80 -39.92 -7.67
CA ALA B 66 1.74 -40.92 -7.55
C ALA B 66 0.40 -40.36 -7.12
N LEU B 67 0.39 -39.39 -6.20
CA LEU B 67 -0.83 -38.93 -5.56
C LEU B 67 -1.40 -37.55 -6.01
N PHE B 68 -0.57 -36.66 -6.50
CA PHE B 68 -0.97 -35.26 -6.79
C PHE B 68 -0.77 -34.87 -8.26
N LYS B 69 -1.76 -34.23 -8.84
CA LYS B 69 -1.67 -33.78 -10.23
C LYS B 69 -0.79 -32.53 -10.30
N PRO B 70 0.19 -32.49 -11.21
CA PRO B 70 1.01 -31.27 -11.29
C PRO B 70 0.21 -30.09 -11.84
N ALA B 71 -0.10 -29.11 -11.00
CA ALA B 71 -0.68 -27.87 -11.48
C ALA B 71 0.42 -27.17 -12.28
N ASP B 72 0.10 -26.68 -13.45
CA ASP B 72 1.14 -26.04 -14.26
C ASP B 72 0.80 -24.59 -14.06
N VAL B 73 1.35 -24.01 -12.98
CA VAL B 73 0.83 -22.71 -12.51
C VAL B 73 1.46 -21.56 -13.28
N ILE B 74 0.58 -20.71 -13.79
N ILE B 74 0.64 -20.75 -13.92
CA ILE B 74 0.89 -19.48 -14.51
CA ILE B 74 1.10 -19.47 -14.40
C ILE B 74 0.33 -18.31 -13.69
C ILE B 74 0.39 -18.34 -13.66
N LEU B 75 1.14 -17.26 -13.49
CA LEU B 75 0.71 -16.06 -12.78
C LEU B 75 -0.17 -15.21 -13.65
N ASP B 76 -1.23 -14.65 -13.05
CA ASP B 76 -2.25 -13.89 -13.76
C ASP B 76 -1.91 -12.42 -13.56
N PRO B 77 -1.36 -11.76 -14.61
CA PRO B 77 -1.01 -10.34 -14.51
C PRO B 77 -2.16 -9.41 -14.11
N LYS B 78 -3.41 -9.73 -14.48
CA LYS B 78 -4.58 -8.94 -14.11
C LYS B 78 -4.86 -8.89 -12.60
N THR B 79 -4.31 -9.83 -11.83
CA THR B 79 -4.51 -9.87 -10.37
C THR B 79 -3.37 -9.19 -9.58
N ALA B 80 -2.26 -9.01 -10.21
CA ALA B 80 -1.10 -8.49 -9.52
C ALA B 80 -1.13 -7.04 -9.06
N ASN B 81 -0.82 -6.80 -7.81
CA ASN B 81 -0.69 -5.45 -7.31
C ASN B 81 0.26 -4.68 -8.28
N PRO B 82 -0.09 -3.42 -8.58
CA PRO B 82 0.75 -2.68 -9.53
C PRO B 82 2.25 -2.49 -9.15
N ILE B 83 2.61 -2.73 -7.90
CA ILE B 83 4.01 -2.72 -7.49
C ILE B 83 4.75 -4.01 -7.85
N LEU B 84 4.02 -5.02 -8.34
CA LEU B 84 4.59 -6.29 -8.74
C LEU B 84 4.73 -6.37 -10.24
N LEU B 85 5.78 -7.08 -10.67
CA LEU B 85 6.09 -7.33 -12.08
C LEU B 85 6.02 -8.83 -12.32
N VAL B 86 5.17 -9.24 -13.25
CA VAL B 86 5.04 -10.62 -13.67
C VAL B 86 5.94 -10.75 -14.89
N SER B 87 6.74 -11.80 -14.94
CA SER B 87 7.65 -12.02 -16.07
C SER B 87 6.88 -12.33 -17.35
N GLU B 88 7.57 -12.19 -18.49
CA GLU B 88 6.98 -12.51 -19.79
C GLU B 88 6.46 -13.96 -19.83
N ASP B 89 7.21 -14.91 -19.30
CA ASP B 89 6.75 -16.31 -19.26
C ASP B 89 5.69 -16.61 -18.16
N GLN B 90 5.32 -15.61 -17.38
CA GLN B 90 4.31 -15.72 -16.33
C GLN B 90 4.64 -16.73 -15.22
N ARG B 91 5.93 -17.00 -15.00
CA ARG B 91 6.35 -17.90 -13.93
C ARG B 91 7.03 -17.20 -12.79
N SER B 92 7.44 -15.94 -12.96
CA SER B 92 8.20 -15.23 -11.95
C SER B 92 7.58 -13.91 -11.63
N VAL B 93 7.83 -13.48 -10.43
CA VAL B 93 7.36 -12.23 -9.92
C VAL B 93 8.50 -11.57 -9.15
N GLN B 94 8.57 -10.26 -9.33
CA GLN B 94 9.49 -9.39 -8.66
C GLN B 94 8.73 -8.12 -8.22
N ARG B 95 9.35 -7.33 -7.37
CA ARG B 95 8.83 -6.03 -6.96
C ARG B 95 9.52 -4.86 -7.68
N ALA B 96 8.71 -3.90 -8.08
CA ALA B 96 9.20 -2.64 -8.61
C ALA B 96 9.47 -1.69 -7.45
N LYS B 97 10.34 -0.74 -7.71
CA LYS B 97 10.65 0.32 -6.77
C LYS B 97 9.37 1.14 -6.51
N GLU B 98 8.60 1.41 -7.57
CA GLU B 98 7.42 2.24 -7.56
C GLU B 98 6.30 1.56 -8.31
N PRO B 99 5.02 1.88 -8.00
CA PRO B 99 3.94 1.17 -8.69
C PRO B 99 3.92 1.50 -10.17
N GLN B 100 3.49 0.55 -11.00
CA GLN B 100 3.26 0.81 -12.41
C GLN B 100 1.87 1.40 -12.58
N ASP B 101 1.67 2.03 -13.74
CA ASP B 101 0.41 2.64 -14.09
C ASP B 101 -0.48 1.58 -14.78
N LEU B 102 -1.37 0.96 -14.02
CA LEU B 102 -2.25 -0.11 -14.51
C LEU B 102 -3.69 0.19 -14.15
N PRO B 103 -4.64 -0.41 -14.87
CA PRO B 103 -6.05 -0.23 -14.47
C PRO B 103 -6.38 -0.87 -13.12
N ASP B 104 -7.31 -0.28 -12.37
CA ASP B 104 -7.79 -0.89 -11.13
C ASP B 104 -9.01 -1.76 -11.40
N ASN B 105 -8.82 -2.77 -12.24
CA ASN B 105 -9.88 -3.72 -12.59
C ASN B 105 -10.21 -4.58 -11.37
N PRO B 106 -11.45 -5.11 -11.28
CA PRO B 106 -11.94 -5.85 -10.08
C PRO B 106 -11.07 -7.00 -9.56
N GLU B 107 -10.35 -7.68 -10.45
CA GLU B 107 -9.58 -8.87 -10.10
C GLU B 107 -8.25 -8.50 -9.41
N ARG B 108 -7.82 -7.24 -9.49
CA ARG B 108 -6.47 -6.84 -9.04
C ARG B 108 -6.44 -6.56 -7.56
N PHE B 109 -5.47 -7.13 -6.87
CA PHE B 109 -5.18 -6.72 -5.50
C PHE B 109 -4.60 -5.32 -5.53
N ASN B 110 -5.28 -4.36 -4.93
CA ASN B 110 -4.80 -2.97 -4.95
C ASN B 110 -4.04 -2.56 -3.68
N TRP B 111 -4.04 -3.38 -2.62
CA TRP B 111 -3.33 -3.07 -1.37
C TRP B 111 -2.31 -4.14 -1.01
N HIS B 112 -2.75 -5.39 -0.83
CA HIS B 112 -1.81 -6.50 -0.64
C HIS B 112 -0.90 -6.63 -1.85
N TYR B 113 0.37 -6.92 -1.58
CA TYR B 113 1.38 -7.11 -2.62
C TYR B 113 1.31 -8.57 -3.08
N CYS B 114 0.18 -8.93 -3.66
CA CYS B 114 -0.16 -10.30 -4.02
C CYS B 114 -0.47 -10.44 -5.53
N VAL B 115 -0.32 -11.67 -6.00
CA VAL B 115 -0.67 -12.10 -7.33
C VAL B 115 -1.17 -13.55 -7.23
N LEU B 116 -2.15 -13.89 -8.08
CA LEU B 116 -2.73 -15.23 -8.17
C LEU B 116 -2.27 -15.99 -9.40
N GLY B 117 -2.31 -17.31 -9.30
CA GLY B 117 -2.28 -18.16 -10.46
C GLY B 117 -3.55 -17.95 -11.31
N CYS B 118 -3.49 -18.43 -12.53
CA CYS B 118 -4.53 -18.24 -13.54
C CYS B 118 -5.76 -19.10 -13.32
N GLU B 119 -5.59 -20.26 -12.71
CA GLU B 119 -6.70 -21.18 -12.50
C GLU B 119 -6.83 -21.58 -11.03
N SER B 120 -8.07 -21.85 -10.65
CA SER B 120 -8.43 -22.28 -9.30
C SER B 120 -8.87 -23.73 -9.28
N PHE B 121 -8.99 -24.28 -8.07
CA PHE B 121 -9.32 -25.70 -7.87
C PHE B 121 -10.50 -25.84 -6.92
N ILE B 122 -11.47 -26.67 -7.30
CA ILE B 122 -12.59 -27.02 -6.41
C ILE B 122 -12.68 -28.52 -6.05
N SER B 123 -11.71 -29.30 -6.46
CA SER B 123 -11.62 -30.72 -6.12
C SER B 123 -10.25 -31.26 -6.48
N GLY B 124 -9.98 -32.48 -6.02
CA GLY B 124 -8.79 -33.22 -6.41
C GLY B 124 -7.59 -32.83 -5.58
N ARG B 125 -6.47 -33.38 -5.99
CA ARG B 125 -5.21 -33.19 -5.35
C ARG B 125 -4.28 -32.59 -6.37
N HIS B 126 -3.64 -31.48 -6.01
CA HIS B 126 -2.76 -30.73 -6.91
C HIS B 126 -1.52 -30.28 -6.18
N TYR B 127 -0.41 -30.15 -6.91
CA TYR B 127 0.80 -29.62 -6.32
C TYR B 127 1.57 -28.74 -7.30
N TRP B 128 2.38 -27.85 -6.73
CA TRP B 128 3.31 -27.06 -7.51
C TRP B 128 4.52 -26.73 -6.67
N GLU B 129 5.63 -26.51 -7.32
CA GLU B 129 6.88 -26.19 -6.63
C GLU B 129 7.36 -24.79 -7.02
N VAL B 130 7.89 -24.10 -6.01
CA VAL B 130 8.19 -22.67 -6.13
C VAL B 130 9.63 -22.49 -5.70
N GLU B 131 10.43 -21.90 -6.57
CA GLU B 131 11.81 -21.62 -6.24
C GLU B 131 11.87 -20.27 -5.55
N VAL B 132 12.15 -20.34 -4.25
CA VAL B 132 12.31 -19.18 -3.40
C VAL B 132 13.77 -18.76 -3.33
N GLY B 133 14.69 -19.70 -3.60
CA GLY B 133 16.12 -19.40 -3.65
C GLY B 133 16.62 -18.74 -2.36
N ASP B 134 17.52 -17.78 -2.52
CA ASP B 134 18.13 -17.08 -1.38
C ASP B 134 17.36 -15.79 -0.95
N ARG B 135 16.11 -15.62 -1.39
CA ARG B 135 15.31 -14.47 -0.96
C ARG B 135 15.19 -14.44 0.55
N LYS B 136 15.19 -13.25 1.12
CA LYS B 136 15.04 -13.06 2.56
C LYS B 136 13.58 -12.91 3.04
N GLU B 137 12.66 -12.80 2.11
CA GLU B 137 11.27 -12.57 2.40
C GLU B 137 10.40 -13.10 1.26
N TRP B 138 9.30 -13.78 1.62
CA TRP B 138 8.28 -14.29 0.67
C TRP B 138 7.19 -15.00 1.41
N HIS B 139 5.98 -15.03 0.84
CA HIS B 139 4.88 -15.86 1.37
C HIS B 139 4.09 -16.45 0.24
N ILE B 140 3.75 -17.72 0.36
CA ILE B 140 3.02 -18.45 -0.65
C ILE B 140 1.99 -19.39 -0.04
N GLY B 141 1.04 -19.80 -0.87
CA GLY B 141 0.06 -20.82 -0.48
C GLY B 141 -1.17 -20.74 -1.37
N VAL B 142 -2.34 -20.78 -0.77
CA VAL B 142 -3.59 -20.68 -1.52
C VAL B 142 -4.52 -19.70 -0.85
N CYS B 143 -5.45 -19.15 -1.63
CA CYS B 143 -6.49 -18.35 -1.08
C CYS B 143 -7.78 -18.63 -1.79
N SER B 144 -8.88 -18.29 -1.12
CA SER B 144 -10.20 -18.40 -1.68
C SER B 144 -10.37 -17.48 -2.88
N LYS B 145 -11.25 -17.90 -3.79
CA LYS B 145 -11.66 -17.06 -4.91
C LYS B 145 -12.23 -15.74 -4.45
N ASN B 146 -12.94 -15.74 -3.31
CA ASN B 146 -13.72 -14.60 -2.85
C ASN B 146 -13.03 -13.76 -1.78
N VAL B 147 -11.71 -13.90 -1.63
CA VAL B 147 -10.96 -12.99 -0.77
C VAL B 147 -11.17 -11.53 -1.18
N GLN B 148 -11.15 -10.64 -0.21
CA GLN B 148 -11.24 -9.22 -0.48
C GLN B 148 -9.96 -8.78 -1.18
N ARG B 149 -10.09 -8.25 -2.40
CA ARG B 149 -8.96 -7.81 -3.19
C ARG B 149 -8.70 -6.30 -3.12
N LYS B 150 -9.71 -5.53 -2.76
CA LYS B 150 -9.57 -4.06 -2.61
C LYS B 150 -9.45 -3.71 -1.12
N GLY B 151 -8.45 -2.91 -0.79
CA GLY B 151 -8.13 -2.58 0.60
C GLY B 151 -7.54 -3.76 1.35
N TRP B 152 -7.50 -3.62 2.68
CA TRP B 152 -6.82 -4.57 3.55
C TRP B 152 -7.72 -5.30 4.52
N VAL B 153 -7.53 -6.62 4.58
CA VAL B 153 -7.90 -7.46 5.71
C VAL B 153 -6.66 -8.30 5.98
N LYS B 154 -6.49 -8.77 7.21
CA LYS B 154 -5.32 -9.58 7.54
C LYS B 154 -5.27 -10.88 6.72
N MET B 155 -4.08 -11.27 6.23
CA MET B 155 -3.93 -12.57 5.56
C MET B 155 -3.89 -13.68 6.60
N THR B 156 -5.03 -14.36 6.75
CA THR B 156 -5.25 -15.41 7.72
C THR B 156 -6.28 -16.38 7.17
N PRO B 157 -6.34 -17.62 7.71
CA PRO B 157 -7.37 -18.57 7.26
C PRO B 157 -8.80 -18.08 7.35
N GLU B 158 -9.14 -17.35 8.41
CA GLU B 158 -10.48 -16.77 8.60
C GLU B 158 -10.84 -15.81 7.46
N ASN B 159 -9.86 -15.10 6.91
CA ASN B 159 -10.09 -14.22 5.75
C ASN B 159 -9.82 -14.92 4.39
N GLY B 160 -9.59 -16.22 4.41
CA GLY B 160 -9.47 -17.02 3.20
C GLY B 160 -8.06 -17.15 2.64
N PHE B 161 -7.05 -17.05 3.49
CA PHE B 161 -5.66 -17.18 3.08
C PHE B 161 -5.01 -18.29 3.87
N TRP B 162 -4.44 -19.26 3.17
CA TRP B 162 -3.67 -20.30 3.83
C TRP B 162 -2.28 -20.24 3.26
N THR B 163 -1.41 -19.52 3.99
CA THR B 163 -0.06 -19.22 3.52
C THR B 163 1.00 -19.39 4.59
N MET B 164 2.21 -19.64 4.18
CA MET B 164 3.38 -19.58 5.06
C MET B 164 4.51 -18.92 4.31
N GLY B 165 5.59 -18.63 5.01
CA GLY B 165 6.67 -17.91 4.39
C GLY B 165 7.76 -17.52 5.33
N LEU B 166 8.56 -16.55 4.87
CA LEU B 166 9.82 -16.17 5.50
C LEU B 166 9.79 -14.65 5.61
N THR B 167 10.26 -14.15 6.76
CA THR B 167 10.59 -12.72 6.90
C THR B 167 11.94 -12.56 7.54
N ASP B 168 12.49 -11.39 7.28
CA ASP B 168 13.73 -10.90 7.94
C ASP B 168 14.88 -11.90 7.83
N GLY B 169 14.97 -12.55 6.68
CA GLY B 169 16.02 -13.51 6.41
C GLY B 169 15.94 -14.89 7.01
N ASN B 170 15.47 -15.02 8.24
CA ASN B 170 15.50 -16.31 8.94
C ASN B 170 14.29 -16.61 9.87
N LYS B 171 13.19 -15.85 9.75
CA LYS B 171 11.96 -16.13 10.50
C LYS B 171 10.89 -16.80 9.59
N TYR B 172 10.80 -18.12 9.69
CA TYR B 172 9.76 -18.87 8.99
C TYR B 172 8.51 -18.91 9.83
N ARG B 173 7.36 -18.58 9.23
CA ARG B 173 6.09 -18.51 9.93
C ARG B 173 4.93 -19.00 9.06
N THR B 174 3.85 -19.43 9.70
CA THR B 174 2.57 -19.60 9.04
C THR B 174 1.82 -18.33 9.30
N LEU B 175 1.02 -17.86 8.33
CA LEU B 175 0.24 -16.65 8.51
C LEU B 175 -1.12 -17.01 9.11
N THR B 176 -1.07 -17.49 10.35
CA THR B 176 -2.23 -17.83 11.15
C THR B 176 -2.55 -16.61 12.04
N GLU B 177 -3.62 -16.72 12.84
CA GLU B 177 -4.00 -15.67 13.80
C GLU B 177 -4.02 -16.29 15.23
N PRO B 178 -3.02 -16.03 16.07
CA PRO B 178 -1.80 -15.29 15.76
C PRO B 178 -0.79 -16.08 14.90
N ARG B 179 0.22 -15.39 14.37
CA ARG B 179 1.29 -16.03 13.55
C ARG B 179 2.02 -17.12 14.33
N THR B 180 2.37 -18.22 13.66
CA THR B 180 3.04 -19.35 14.30
C THR B 180 4.46 -19.41 13.76
N ASN B 181 5.43 -19.39 14.67
CA ASN B 181 6.83 -19.56 14.28
C ASN B 181 7.11 -21.02 13.99
N LEU B 182 7.87 -21.27 12.92
CA LEU B 182 8.28 -22.60 12.49
C LEU B 182 9.76 -22.74 12.74
N LYS B 183 10.20 -23.92 13.13
CA LYS B 183 11.61 -24.21 13.35
C LYS B 183 12.05 -25.21 12.29
N LEU B 184 12.79 -24.75 11.28
CA LEU B 184 13.21 -25.64 10.19
C LEU B 184 14.68 -25.99 10.33
N PRO B 185 15.03 -27.26 10.11
CA PRO B 185 16.44 -27.63 10.22
C PRO B 185 17.35 -26.98 9.16
N LYS B 186 16.78 -26.70 7.99
CA LYS B 186 17.50 -26.00 6.91
C LYS B 186 16.59 -24.99 6.22
N PRO B 187 17.17 -23.91 5.68
CA PRO B 187 16.37 -23.03 4.84
C PRO B 187 16.07 -23.68 3.47
N PRO B 188 14.77 -23.83 3.12
CA PRO B 188 14.44 -24.35 1.80
C PRO B 188 14.73 -23.35 0.67
N LYS B 189 15.25 -23.87 -0.44
CA LYS B 189 15.48 -23.12 -1.65
C LYS B 189 14.29 -23.31 -2.60
N LYS B 190 13.59 -24.44 -2.46
CA LYS B 190 12.44 -24.77 -3.30
C LYS B 190 11.37 -25.40 -2.44
N VAL B 191 10.13 -24.95 -2.62
CA VAL B 191 9.03 -25.32 -1.75
C VAL B 191 7.91 -25.93 -2.57
N GLY B 192 7.46 -27.11 -2.15
CA GLY B 192 6.28 -27.78 -2.69
C GLY B 192 5.04 -27.39 -1.93
N VAL B 193 4.00 -26.99 -2.67
CA VAL B 193 2.72 -26.65 -2.12
C VAL B 193 1.77 -27.70 -2.62
N PHE B 194 0.98 -28.28 -1.71
CA PHE B 194 0.10 -29.43 -1.99
C PHE B 194 -1.27 -29.09 -1.49
N LEU B 195 -2.27 -29.27 -2.35
CA LEU B 195 -3.65 -29.04 -2.00
C LEU B 195 -4.41 -30.34 -2.19
N ASP B 196 -5.07 -30.78 -1.14
CA ASP B 196 -5.87 -31.99 -1.18
C ASP B 196 -7.24 -31.52 -0.77
N TYR B 197 -8.07 -31.26 -1.77
CA TYR B 197 -9.30 -30.52 -1.56
C TYR B 197 -10.27 -31.35 -0.71
N GLU B 198 -10.39 -32.64 -1.01
CA GLU B 198 -11.31 -33.56 -0.31
C GLU B 198 -10.98 -33.77 1.18
N THR B 199 -9.71 -34.01 1.51
CA THR B 199 -9.27 -34.13 2.91
C THR B 199 -9.10 -32.77 3.63
N GLY B 200 -9.06 -31.66 2.87
CA GLY B 200 -8.95 -30.33 3.45
C GLY B 200 -7.55 -29.97 3.94
N ASP B 201 -6.52 -30.65 3.40
CA ASP B 201 -5.15 -30.42 3.83
C ASP B 201 -4.38 -29.56 2.81
N ILE B 202 -3.57 -28.65 3.34
CA ILE B 202 -2.64 -27.88 2.51
C ILE B 202 -1.30 -28.05 3.17
N SER B 203 -0.36 -28.63 2.42
CA SER B 203 0.94 -28.97 2.92
C SER B 203 2.02 -28.23 2.21
N PHE B 204 3.12 -28.02 2.92
CA PHE B 204 4.30 -27.38 2.40
C PHE B 204 5.50 -28.26 2.70
N TYR B 205 6.30 -28.52 1.67
CA TYR B 205 7.47 -29.35 1.76
C TYR B 205 8.69 -28.63 1.25
N ASN B 206 9.85 -28.96 1.81
CA ASN B 206 11.11 -28.63 1.20
C ASN B 206 11.25 -29.59 0.03
N ALA B 207 11.15 -29.06 -1.19
CA ALA B 207 11.14 -29.90 -2.41
C ALA B 207 12.49 -30.44 -2.82
N VAL B 208 13.57 -30.01 -2.18
CA VAL B 208 14.91 -30.55 -2.49
C VAL B 208 15.17 -31.80 -1.66
N ASP B 209 14.90 -31.74 -0.36
CA ASP B 209 15.11 -32.88 0.52
C ASP B 209 13.84 -33.70 0.69
N GLY B 210 12.69 -33.01 0.66
CA GLY B 210 11.41 -33.67 0.81
C GLY B 210 10.90 -33.65 2.24
N SER B 211 11.51 -32.80 3.05
CA SER B 211 11.12 -32.68 4.46
C SER B 211 9.84 -31.86 4.61
N HIS B 212 8.98 -32.28 5.51
CA HIS B 212 7.72 -31.58 5.75
C HIS B 212 8.00 -30.27 6.47
N ILE B 213 7.32 -29.20 6.04
CA ILE B 213 7.45 -27.89 6.68
C ILE B 213 6.24 -27.62 7.58
N HIS B 214 5.04 -27.75 7.02
CA HIS B 214 3.84 -27.39 7.72
C HIS B 214 2.64 -27.87 6.94
N THR B 215 1.58 -28.24 7.67
CA THR B 215 0.29 -28.57 7.07
C THR B 215 -0.83 -27.86 7.79
N PHE B 216 -1.75 -27.24 7.04
CA PHE B 216 -3.05 -26.84 7.54
C PHE B 216 -3.98 -28.05 7.42
N LEU B 217 -4.44 -28.55 8.57
CA LEU B 217 -5.20 -29.80 8.63
C LEU B 217 -6.69 -29.57 8.59
N ASP B 218 -7.38 -30.45 7.85
CA ASP B 218 -8.83 -30.60 7.98
C ASP B 218 -9.63 -29.31 7.79
N VAL B 219 -9.21 -28.47 6.85
CA VAL B 219 -9.94 -27.24 6.55
C VAL B 219 -11.22 -27.62 5.81
N SER B 220 -12.31 -26.93 6.10
CA SER B 220 -13.58 -27.14 5.38
C SER B 220 -13.70 -26.16 4.23
N PHE B 221 -13.13 -26.52 3.08
CA PHE B 221 -13.22 -25.68 1.90
C PHE B 221 -14.61 -25.79 1.33
N SER B 222 -15.14 -24.66 0.89
CA SER B 222 -16.38 -24.60 0.14
C SER B 222 -16.29 -23.64 -1.05
N GLU B 223 -15.11 -23.16 -1.38
CA GLU B 223 -14.90 -22.16 -2.43
C GLU B 223 -13.75 -22.66 -3.28
N ALA B 224 -13.66 -22.14 -4.50
CA ALA B 224 -12.51 -22.38 -5.35
C ALA B 224 -11.26 -21.76 -4.71
N LEU B 225 -10.14 -22.45 -4.85
CA LEU B 225 -8.87 -21.99 -4.30
C LEU B 225 -7.89 -21.67 -5.41
N TYR B 226 -7.22 -20.52 -5.29
CA TYR B 226 -6.15 -20.10 -6.20
C TYR B 226 -4.80 -20.23 -5.51
N PRO B 227 -3.74 -20.55 -6.27
CA PRO B 227 -2.39 -20.32 -5.76
C PRO B 227 -2.19 -18.82 -5.58
N VAL B 228 -1.49 -18.44 -4.52
CA VAL B 228 -1.23 -17.03 -4.23
C VAL B 228 0.21 -16.87 -3.79
N PHE B 229 0.77 -15.71 -4.13
CA PHE B 229 2.17 -15.37 -3.90
C PHE B 229 2.27 -13.91 -3.42
N ARG B 230 3.13 -13.66 -2.43
CA ARG B 230 3.30 -12.33 -1.91
C ARG B 230 4.77 -12.06 -1.70
N ILE B 231 5.22 -10.90 -2.18
CA ILE B 231 6.58 -10.37 -1.90
C ILE B 231 6.50 -8.89 -1.50
N LEU B 232 7.14 -8.57 -0.38
CA LEU B 232 7.14 -7.22 0.18
C LEU B 232 8.42 -6.46 -0.14
N THR B 233 9.55 -7.17 -0.15
CA THR B 233 10.87 -6.54 -0.19
C THR B 233 11.40 -6.37 -1.62
N LEU B 234 12.37 -5.46 -1.77
CA LEU B 234 13.11 -5.21 -3.00
C LEU B 234 14.44 -5.96 -2.89
N GLU B 235 14.61 -7.01 -3.68
CA GLU B 235 15.76 -7.90 -3.57
C GLU B 235 16.14 -8.37 -4.94
N PRO B 236 17.40 -8.81 -5.12
CA PRO B 236 17.85 -9.25 -6.45
C PRO B 236 17.21 -10.55 -7.00
N THR B 237 16.76 -11.43 -6.12
CA THR B 237 16.18 -12.73 -6.48
C THR B 237 14.65 -12.69 -6.54
N ALA B 238 14.11 -13.14 -7.68
CA ALA B 238 12.67 -13.28 -7.86
C ALA B 238 12.11 -14.50 -7.14
N LEU B 239 10.79 -14.59 -7.13
CA LEU B 239 10.06 -15.80 -6.76
C LEU B 239 9.62 -16.46 -8.08
N THR B 240 9.92 -17.74 -8.26
CA THR B 240 9.74 -18.39 -9.57
C THR B 240 9.03 -19.75 -9.44
N ILE B 241 7.95 -19.94 -10.18
CA ILE B 241 7.24 -21.22 -10.21
C ILE B 241 7.98 -22.20 -11.13
N CYS B 242 8.15 -23.43 -10.66
CA CYS B 242 8.78 -24.48 -11.45
C CYS B 242 7.77 -25.05 -12.39
N PRO B 243 8.13 -25.18 -13.68
CA PRO B 243 7.19 -25.74 -14.66
C PRO B 243 6.91 -27.23 -14.42
N ALA B 244 5.74 -27.71 -14.84
CA ALA B 244 5.28 -29.09 -14.59
C ALA B 244 6.03 -30.13 -15.39
#